data_5GVR
#
_entry.id   5GVR
#
_cell.length_a   81.830
_cell.length_b   81.830
_cell.length_c   69.570
_cell.angle_alpha   90.00
_cell.angle_beta   90.00
_cell.angle_gamma   120.00
#
_symmetry.space_group_name_H-M   'P 32 2 1'
#
loop_
_entity.id
_entity.type
_entity.pdbx_description
1 polymer 'Probable ATP-dependent RNA helicase DDX41'
2 non-polymer '(2S)-2-hydroxybutanedioic acid'
3 water water
#
_entity_poly.entity_id   1
_entity_poly.type   'polypeptide(L)'
_entity_poly.pdbx_seq_one_letter_code
;ILVEGDGIPPPIKSFKEMKFPAAILRGLKKKGIHHPTPIQIQGIPTILSGRDMIGIAFTGSGKTLVFTLPVIMFCLEQEK
RLPFSKREGPYGLIICPSRELARQTHGILEYYCRLLQEDSSPLLRCALCIGGMSVKEQMETIRHGVHMMVATPGRLMDLL
QKKMVSLDICRYLALDEADRMIDMGFEGDIRTIFSYFKGQRQTLLFSATMPKKIQNFAKSALVKPVTINVGRAG
;
_entity_poly.pdbx_strand_id   A
#
loop_
_chem_comp.id
_chem_comp.type
_chem_comp.name
_chem_comp.formula
LMR non-polymer '(2S)-2-hydroxybutanedioic acid' 'C4 H6 O5'
#
# COMPACT_ATOMS: atom_id res chain seq x y z
N ILE A 1 -20.29 9.75 3.00
CA ILE A 1 -18.80 9.95 2.95
C ILE A 1 -18.47 11.41 3.08
N LEU A 2 -17.36 11.70 3.74
CA LEU A 2 -16.95 13.02 3.97
C LEU A 2 -15.52 13.12 3.43
N VAL A 3 -15.24 14.18 2.73
CA VAL A 3 -13.91 14.38 2.13
C VAL A 3 -13.40 15.75 2.50
N GLU A 4 -12.16 15.85 2.94
CA GLU A 4 -11.54 17.12 3.35
C GLU A 4 -10.22 17.27 2.63
N GLY A 5 -9.86 18.48 2.31
CA GLY A 5 -8.57 18.78 1.71
C GLY A 5 -8.75 19.71 0.53
N ASP A 6 -7.68 20.32 0.08
CA ASP A 6 -7.75 21.14 -1.13
C ASP A 6 -7.43 20.27 -2.33
N GLY A 7 -7.90 20.67 -3.52
CA GLY A 7 -7.47 20.04 -4.75
C GLY A 7 -7.92 18.59 -4.82
N ILE A 8 -9.14 18.30 -4.40
CA ILE A 8 -9.64 16.89 -4.37
C ILE A 8 -9.91 16.40 -5.77
N PRO A 9 -9.25 15.31 -6.23
CA PRO A 9 -9.52 14.74 -7.55
C PRO A 9 -10.97 14.28 -7.64
N PRO A 10 -11.65 14.51 -8.74
CA PRO A 10 -13.02 14.09 -8.77
C PRO A 10 -13.24 12.61 -8.63
N PRO A 11 -14.36 12.23 -8.05
CA PRO A 11 -14.64 10.84 -7.90
C PRO A 11 -14.92 10.15 -9.22
N ILE A 12 -14.62 8.88 -9.29
CA ILE A 12 -14.89 8.06 -10.46
C ILE A 12 -15.76 6.92 -10.11
N LYS A 13 -16.84 6.73 -10.90
CA LYS A 13 -17.86 5.75 -10.51
C LYS A 13 -17.73 4.31 -10.99
N SER A 14 -16.81 4.01 -11.87
CA SER A 14 -16.61 2.67 -12.28
C SER A 14 -15.13 2.33 -12.35
N PHE A 15 -14.82 1.04 -12.22
CA PHE A 15 -13.46 0.60 -12.26
C PHE A 15 -12.85 0.84 -13.65
N LYS A 16 -13.68 0.67 -14.68
CA LYS A 16 -13.23 0.85 -16.03
C LYS A 16 -12.79 2.26 -16.28
N GLU A 17 -13.55 3.24 -15.80
CA GLU A 17 -13.12 4.60 -15.95
C GLU A 17 -11.93 4.95 -15.05
N MET A 18 -11.57 4.13 -14.05
CA MET A 18 -10.32 4.38 -13.30
C MET A 18 -9.07 3.91 -14.07
N LYS A 19 -9.27 3.23 -15.20
CA LYS A 19 -8.17 2.89 -16.15
C LYS A 19 -7.32 1.77 -15.70
N PHE A 20 -7.88 0.86 -14.92
CA PHE A 20 -7.15 -0.35 -14.63
C PHE A 20 -6.94 -1.16 -15.90
N PRO A 21 -5.84 -1.87 -15.99
CA PRO A 21 -5.57 -2.84 -17.02
C PRO A 21 -6.70 -3.89 -17.10
N ALA A 22 -7.01 -4.40 -18.29
CA ALA A 22 -8.08 -5.40 -18.43
C ALA A 22 -7.91 -6.60 -17.58
N ALA A 23 -6.67 -7.07 -17.38
CA ALA A 23 -6.45 -8.20 -16.52
C ALA A 23 -6.92 -8.00 -15.08
N ILE A 24 -6.74 -6.77 -14.57
CA ILE A 24 -7.26 -6.37 -13.27
C ILE A 24 -8.80 -6.33 -13.25
N LEU A 25 -9.39 -5.75 -14.26
CA LEU A 25 -10.84 -5.70 -14.35
C LEU A 25 -11.43 -7.10 -14.37
N ARG A 26 -10.79 -7.99 -15.11
CA ARG A 26 -11.22 -9.38 -15.15
C ARG A 26 -11.12 -10.05 -13.80
N GLY A 27 -10.01 -9.78 -13.11
CA GLY A 27 -9.80 -10.34 -11.77
C GLY A 27 -10.76 -9.82 -10.71
N LEU A 28 -11.15 -8.57 -10.79
CA LEU A 28 -12.14 -8.02 -9.87
C LEU A 28 -13.44 -8.80 -10.06
N LYS A 29 -13.81 -8.98 -11.30
CA LYS A 29 -15.05 -9.74 -11.62
C LYS A 29 -15.02 -11.16 -11.12
N LYS A 30 -13.95 -11.88 -11.38
CA LYS A 30 -13.71 -13.20 -10.77
C LYS A 30 -13.83 -13.21 -9.26
N LYS A 31 -13.43 -12.13 -8.57
CA LYS A 31 -13.63 -12.04 -7.13
C LYS A 31 -15.08 -11.57 -6.76
N GLY A 32 -15.98 -11.38 -7.75
CA GLY A 32 -17.30 -10.90 -7.52
C GLY A 32 -17.38 -9.42 -7.26
N ILE A 33 -16.32 -8.67 -7.58
CA ILE A 33 -16.29 -7.22 -7.29
C ILE A 33 -16.66 -6.49 -8.60
N HIS A 34 -17.87 -5.97 -8.68
CA HIS A 34 -18.43 -5.35 -9.89
C HIS A 34 -18.50 -3.83 -9.89
N HIS A 35 -18.82 -3.25 -8.74
CA HIS A 35 -18.98 -1.84 -8.64
C HIS A 35 -18.17 -1.29 -7.48
N PRO A 36 -17.63 -0.09 -7.62
CA PRO A 36 -16.81 0.38 -6.54
C PRO A 36 -17.59 0.87 -5.35
N THR A 37 -17.00 0.75 -4.17
CA THR A 37 -17.53 1.26 -2.94
C THR A 37 -17.19 2.76 -2.77
N PRO A 38 -17.80 3.44 -1.81
CA PRO A 38 -17.58 4.83 -1.65
C PRO A 38 -16.08 5.20 -1.49
N ILE A 39 -15.38 4.44 -0.64
CA ILE A 39 -13.94 4.82 -0.45
C ILE A 39 -13.20 4.52 -1.74
N GLN A 40 -13.58 3.53 -2.54
CA GLN A 40 -12.90 3.30 -3.83
C GLN A 40 -13.16 4.46 -4.83
N ILE A 41 -14.43 4.85 -4.95
CA ILE A 41 -14.86 5.91 -5.87
C ILE A 41 -14.13 7.23 -5.69
N GLN A 42 -13.87 7.60 -4.43
CA GLN A 42 -13.18 8.80 -4.15
C GLN A 42 -11.67 8.57 -3.91
N GLY A 43 -11.33 7.47 -3.30
CA GLY A 43 -9.94 7.16 -2.89
C GLY A 43 -9.00 6.76 -3.99
N ILE A 44 -9.50 5.97 -4.96
CA ILE A 44 -8.62 5.54 -6.06
C ILE A 44 -8.18 6.75 -6.87
N PRO A 45 -9.06 7.67 -7.28
CA PRO A 45 -8.60 8.85 -7.99
C PRO A 45 -7.63 9.71 -7.16
N THR A 46 -7.81 9.72 -5.82
CA THR A 46 -6.92 10.47 -5.02
C THR A 46 -5.50 9.86 -5.10
N ILE A 47 -5.44 8.59 -4.91
CA ILE A 47 -4.11 7.90 -4.94
C ILE A 47 -3.47 7.99 -6.30
N LEU A 48 -4.27 7.84 -7.36
CA LEU A 48 -3.69 7.86 -8.71
C LEU A 48 -3.16 9.26 -9.03
N SER A 49 -3.71 10.33 -8.41
CA SER A 49 -3.19 11.68 -8.60
C SER A 49 -1.85 11.96 -7.95
N GLY A 50 -1.39 11.07 -7.08
CA GLY A 50 -0.17 11.18 -6.34
C GLY A 50 -0.23 11.86 -5.02
N ARG A 51 -1.40 12.27 -4.58
CA ARG A 51 -1.58 12.93 -3.28
C ARG A 51 -1.47 11.93 -2.13
N ASP A 52 -1.05 12.47 -0.99
CA ASP A 52 -1.14 11.67 0.27
C ASP A 52 -2.63 11.49 0.65
N MET A 53 -2.97 10.55 1.50
CA MET A 53 -4.36 10.26 1.77
C MET A 53 -4.47 9.72 3.14
N ILE A 54 -5.49 10.20 3.88
CA ILE A 54 -5.95 9.55 5.14
C ILE A 54 -7.32 8.88 4.79
N GLY A 55 -7.45 7.61 4.99
CA GLY A 55 -8.73 6.86 4.83
C GLY A 55 -9.19 6.46 6.17
N ILE A 56 -10.28 7.04 6.63
CA ILE A 56 -10.92 6.62 7.89
C ILE A 56 -11.99 5.62 7.52
N ALA A 57 -11.64 4.41 7.69
CA ALA A 57 -12.34 3.27 7.08
C ALA A 57 -11.95 2.01 7.80
N PHE A 58 -12.83 1.01 7.71
CA PHE A 58 -12.50 -0.32 8.29
C PHE A 58 -12.80 -1.44 7.34
N THR A 59 -12.48 -2.66 7.76
CA THR A 59 -12.67 -3.84 6.95
C THR A 59 -14.13 -3.97 6.61
N GLY A 60 -14.42 -4.23 5.36
CA GLY A 60 -15.77 -4.14 4.77
C GLY A 60 -16.08 -2.96 3.95
N SER A 61 -15.27 -1.92 4.05
CA SER A 61 -15.48 -0.69 3.27
C SER A 61 -14.88 -0.80 1.88
N GLY A 62 -14.03 -1.78 1.65
CA GLY A 62 -13.31 -1.92 0.35
C GLY A 62 -12.00 -1.11 0.32
N LYS A 63 -11.52 -0.77 1.51
CA LYS A 63 -10.28 0.01 1.61
C LYS A 63 -9.14 -0.70 0.92
N THR A 64 -9.04 -2.01 0.96
CA THR A 64 -7.83 -2.70 0.56
C THR A 64 -7.57 -2.42 -0.89
N LEU A 65 -8.59 -2.39 -1.77
CA LEU A 65 -8.33 -2.09 -3.14
C LEU A 65 -7.77 -0.71 -3.36
N VAL A 66 -8.08 0.26 -2.48
CA VAL A 66 -7.59 1.62 -2.62
C VAL A 66 -6.09 1.65 -2.57
N PHE A 67 -5.49 0.87 -1.67
CA PHE A 67 -4.02 0.96 -1.49
C PHE A 67 -3.28 -0.15 -2.21
N THR A 68 -3.92 -1.18 -2.79
CA THR A 68 -3.24 -2.22 -3.51
C THR A 68 -3.32 -2.01 -4.99
N LEU A 69 -4.42 -1.66 -5.59
CA LEU A 69 -4.48 -1.54 -7.08
C LEU A 69 -3.60 -0.37 -7.61
N PRO A 70 -3.56 0.79 -6.95
CA PRO A 70 -2.66 1.86 -7.49
C PRO A 70 -1.23 1.47 -7.47
N VAL A 71 -0.74 0.80 -6.42
CA VAL A 71 0.68 0.53 -6.31
C VAL A 71 1.04 -0.55 -7.36
N ILE A 72 0.16 -1.50 -7.68
CA ILE A 72 0.41 -2.40 -8.74
C ILE A 72 0.55 -1.62 -10.09
N MET A 73 -0.32 -0.69 -10.34
CA MET A 73 -0.29 0.13 -11.56
C MET A 73 1.00 0.95 -11.62
N PHE A 74 1.42 1.56 -10.55
CA PHE A 74 2.67 2.32 -10.53
C PHE A 74 3.83 1.41 -10.81
N CYS A 75 3.86 0.24 -10.17
CA CYS A 75 5.02 -0.72 -10.33
C CYS A 75 5.06 -1.24 -11.75
N LEU A 76 3.90 -1.45 -12.35
CA LEU A 76 3.85 -1.97 -13.69
C LEU A 76 4.47 -0.93 -14.63
N GLU A 77 4.09 0.33 -14.46
CA GLU A 77 4.65 1.38 -15.30
C GLU A 77 6.15 1.47 -15.12
N GLN A 78 6.66 1.42 -13.89
CA GLN A 78 8.08 1.45 -13.64
C GLN A 78 8.82 0.29 -14.25
N GLU A 79 8.31 -0.92 -14.11
CA GLU A 79 8.96 -2.10 -14.65
C GLU A 79 9.03 -2.05 -16.15
N LYS A 80 8.00 -1.49 -16.80
CA LYS A 80 8.07 -1.31 -18.26
C LYS A 80 9.13 -0.33 -18.65
N ARG A 81 9.20 0.77 -17.92
CA ARG A 81 10.14 1.87 -18.29
C ARG A 81 11.58 1.38 -18.05
N LEU A 82 11.86 0.71 -16.95
CA LEU A 82 13.20 0.26 -16.64
C LEU A 82 13.15 -0.96 -15.75
N PRO A 83 13.32 -2.15 -16.30
CA PRO A 83 13.26 -3.35 -15.52
C PRO A 83 14.09 -3.35 -14.28
N PHE A 84 13.47 -3.78 -13.17
CA PHE A 84 14.16 -3.79 -11.94
C PHE A 84 15.30 -4.80 -11.90
N SER A 85 16.40 -4.39 -11.30
CA SER A 85 17.65 -5.18 -11.17
C SER A 85 17.59 -5.99 -9.92
N LYS A 86 18.54 -6.91 -9.81
CA LYS A 86 18.70 -7.62 -8.59
C LYS A 86 19.01 -6.63 -7.48
N ARG A 87 18.49 -6.93 -6.31
CA ARG A 87 18.68 -6.04 -5.12
C ARG A 87 17.99 -4.67 -5.18
N GLU A 88 17.19 -4.39 -6.20
CA GLU A 88 16.52 -3.10 -6.28
C GLU A 88 15.14 -3.29 -5.63
N GLY A 89 14.74 -2.30 -4.92
CA GLY A 89 13.35 -2.20 -4.42
C GLY A 89 13.31 -2.45 -2.94
N PRO A 90 12.14 -2.30 -2.30
CA PRO A 90 10.82 -2.12 -2.96
C PRO A 90 10.56 -0.72 -3.45
N TYR A 91 9.72 -0.61 -4.49
CA TYR A 91 9.16 0.64 -4.92
C TYR A 91 7.96 1.01 -4.09
N GLY A 92 7.19 0.00 -3.69
CA GLY A 92 5.98 0.26 -2.85
C GLY A 92 6.02 -0.65 -1.63
N LEU A 93 5.61 -0.10 -0.51
CA LEU A 93 5.69 -0.83 0.78
C LEU A 93 4.33 -0.62 1.41
N ILE A 94 3.80 -1.70 1.96
CA ILE A 94 2.57 -1.67 2.76
C ILE A 94 2.92 -2.20 4.10
N ILE A 95 2.62 -1.46 5.15
CA ILE A 95 2.98 -1.88 6.52
C ILE A 95 1.66 -2.17 7.25
N CYS A 96 1.57 -3.32 7.95
CA CYS A 96 0.32 -3.60 8.71
C CYS A 96 0.64 -4.28 9.99
N PRO A 97 -0.40 -4.44 10.82
CA PRO A 97 -0.10 -4.76 12.21
C PRO A 97 0.18 -6.24 12.44
N SER A 98 -0.26 -7.13 11.61
CA SER A 98 -0.28 -8.55 11.95
C SER A 98 0.18 -9.38 10.85
N ARG A 99 0.71 -10.55 11.20
CA ARG A 99 1.11 -11.50 10.19
C ARG A 99 -0.05 -11.91 9.28
N GLU A 100 -1.26 -12.15 9.85
CA GLU A 100 -2.34 -12.64 8.99
C GLU A 100 -2.88 -11.62 7.99
N LEU A 101 -2.83 -10.37 8.41
CA LEU A 101 -3.24 -9.27 7.53
C LEU A 101 -2.15 -9.09 6.43
N ALA A 102 -0.91 -9.15 6.84
CA ALA A 102 0.19 -8.99 5.79
C ALA A 102 0.11 -10.11 4.80
N ARG A 103 -0.12 -11.35 5.26
CA ARG A 103 -0.28 -12.46 4.37
C ARG A 103 -1.45 -12.26 3.43
N GLN A 104 -2.52 -11.74 3.92
CA GLN A 104 -3.66 -11.56 3.08
C GLN A 104 -3.49 -10.53 1.98
N THR A 105 -2.90 -9.43 2.41
CA THR A 105 -2.62 -8.34 1.45
C THR A 105 -1.59 -8.76 0.43
N HIS A 106 -0.53 -9.43 0.84
CA HIS A 106 0.43 -9.97 -0.05
C HIS A 106 -0.16 -10.91 -1.05
N GLY A 107 -1.10 -11.72 -0.60
CA GLY A 107 -1.72 -12.62 -1.57
C GLY A 107 -2.59 -11.95 -2.59
N ILE A 108 -3.22 -10.86 -2.19
CA ILE A 108 -4.01 -10.05 -3.06
C ILE A 108 -3.05 -9.49 -4.15
N LEU A 109 -1.92 -8.96 -3.70
CA LEU A 109 -0.94 -8.41 -4.67
C LEU A 109 -0.51 -9.47 -5.67
N GLU A 110 -0.17 -10.66 -5.17
CA GLU A 110 0.32 -11.71 -6.05
C GLU A 110 -0.79 -12.21 -6.99
N TYR A 111 -2.03 -12.25 -6.52
CA TYR A 111 -3.15 -12.54 -7.41
C TYR A 111 -3.21 -11.63 -8.64
N TYR A 112 -3.22 -10.32 -8.42
CA TYR A 112 -3.30 -9.40 -9.53
C TYR A 112 -2.06 -9.41 -10.40
N CYS A 113 -0.91 -9.61 -9.78
CA CYS A 113 0.36 -9.66 -10.49
C CYS A 113 0.39 -10.92 -11.38
N ARG A 114 -0.20 -12.00 -10.91
CA ARG A 114 -0.25 -13.23 -11.70
C ARG A 114 -1.18 -12.99 -12.87
N LEU A 115 -2.33 -12.40 -12.63
CA LEU A 115 -3.24 -12.06 -13.74
C LEU A 115 -2.63 -11.17 -14.81
N LEU A 116 -1.82 -10.21 -14.41
CA LEU A 116 -1.16 -9.35 -15.36
C LEU A 116 -0.17 -10.13 -16.21
N GLN A 117 0.60 -10.99 -15.56
CA GLN A 117 1.58 -11.78 -16.26
C GLN A 117 0.93 -12.80 -17.20
N GLU A 118 -0.25 -13.29 -16.86
CA GLU A 118 -0.98 -14.21 -17.78
C GLU A 118 -1.50 -13.51 -19.00
N ASP A 119 -1.55 -12.18 -18.99
CA ASP A 119 -1.91 -11.36 -20.06
C ASP A 119 -0.72 -10.54 -20.63
N SER A 120 0.48 -11.12 -20.75
CA SER A 120 1.64 -10.40 -21.36
C SER A 120 2.09 -9.04 -20.70
N SER A 121 1.85 -8.88 -19.40
CA SER A 121 2.65 -7.90 -18.64
C SER A 121 3.87 -8.65 -18.13
N PRO A 122 4.91 -7.89 -17.68
CA PRO A 122 5.94 -8.50 -16.89
C PRO A 122 5.44 -9.04 -15.55
N LEU A 123 6.12 -9.99 -14.96
CA LEU A 123 5.77 -10.50 -13.65
C LEU A 123 6.42 -9.58 -12.61
N LEU A 124 5.59 -8.89 -11.83
CA LEU A 124 6.01 -8.08 -10.74
C LEU A 124 6.27 -9.00 -9.56
N ARG A 125 7.18 -8.62 -8.71
CA ARG A 125 7.64 -9.40 -7.60
C ARG A 125 7.20 -8.72 -6.29
N CYS A 126 6.57 -9.54 -5.43
CA CYS A 126 6.04 -9.07 -4.17
C CYS A 126 6.65 -9.87 -3.00
N ALA A 127 7.17 -9.19 -2.01
CA ALA A 127 7.87 -9.76 -0.88
C ALA A 127 6.99 -9.63 0.36
N LEU A 128 7.09 -10.64 1.23
CA LEU A 128 6.41 -10.59 2.48
C LEU A 128 7.48 -10.51 3.53
N CYS A 129 7.43 -9.56 4.44
CA CYS A 129 8.48 -9.40 5.46
C CYS A 129 7.86 -9.36 6.83
N ILE A 130 7.70 -10.56 7.38
CA ILE A 130 7.01 -10.75 8.67
C ILE A 130 7.76 -11.74 9.50
N GLY A 131 7.29 -11.87 10.73
CA GLY A 131 7.86 -12.90 11.57
C GLY A 131 7.58 -14.29 11.18
N GLY A 132 8.38 -15.23 11.72
CA GLY A 132 8.16 -16.64 11.46
C GLY A 132 8.80 -17.09 10.17
N MET A 133 9.54 -16.20 9.52
CA MET A 133 10.29 -16.49 8.30
C MET A 133 11.77 -16.45 8.69
N SER A 134 12.59 -17.22 8.00
CA SER A 134 14.06 -17.11 8.16
C SER A 134 14.70 -15.94 7.35
N VAL A 135 15.94 -15.63 7.77
CA VAL A 135 16.92 -14.81 7.01
C VAL A 135 17.07 -15.38 5.59
N LYS A 136 17.08 -16.69 5.52
CA LYS A 136 17.21 -17.40 4.25
C LYS A 136 16.10 -16.97 3.29
N GLU A 137 14.85 -17.12 3.72
CA GLU A 137 13.69 -16.87 2.86
C GLU A 137 13.69 -15.43 2.36
N GLN A 138 13.82 -14.53 3.33
CA GLN A 138 13.77 -13.12 3.04
C GLN A 138 14.85 -12.70 2.10
N MET A 139 16.13 -12.93 2.47
CA MET A 139 17.30 -12.64 1.59
C MET A 139 17.10 -13.08 0.14
N GLU A 140 16.52 -14.27 -0.03
CA GLU A 140 16.28 -14.86 -1.37
C GLU A 140 15.46 -13.99 -2.28
N THR A 141 14.26 -13.65 -1.80
CA THR A 141 13.34 -12.85 -2.60
C THR A 141 13.97 -11.47 -2.88
N ILE A 142 14.49 -10.79 -1.85
CA ILE A 142 15.13 -9.44 -2.05
C ILE A 142 16.32 -9.47 -3.03
N ARG A 143 17.07 -10.59 -3.06
CA ARG A 143 18.12 -10.83 -4.09
C ARG A 143 17.65 -10.58 -5.53
N HIS A 144 16.44 -10.99 -5.88
CA HIS A 144 15.94 -10.74 -7.24
C HIS A 144 15.42 -9.35 -7.51
N GLY A 145 15.35 -8.53 -6.51
CA GLY A 145 14.72 -7.25 -6.64
C GLY A 145 13.23 -7.49 -6.34
N VAL A 146 12.65 -6.44 -5.80
CA VAL A 146 11.24 -6.49 -5.28
C VAL A 146 10.56 -5.27 -5.76
N HIS A 147 9.37 -5.44 -6.36
CA HIS A 147 8.49 -4.29 -6.67
C HIS A 147 7.69 -3.79 -5.45
N MET A 148 7.05 -4.72 -4.76
CA MET A 148 6.14 -4.41 -3.67
C MET A 148 6.53 -5.30 -2.48
N MET A 149 6.51 -4.71 -1.28
CA MET A 149 6.81 -5.46 -0.07
C MET A 149 5.62 -5.17 0.90
N VAL A 150 5.19 -6.24 1.65
CA VAL A 150 4.22 -6.14 2.71
C VAL A 150 4.88 -6.61 3.96
N ALA A 151 4.83 -5.77 4.97
CA ALA A 151 5.64 -6.00 6.20
C ALA A 151 4.87 -5.64 7.42
N THR A 152 5.32 -6.23 8.54
CA THR A 152 4.93 -5.69 9.83
C THR A 152 6.08 -4.83 10.33
N PRO A 153 5.84 -3.90 11.26
CA PRO A 153 6.84 -2.86 11.53
C PRO A 153 8.12 -3.34 12.23
N GLY A 154 8.02 -4.30 13.17
CA GLY A 154 9.21 -4.73 13.89
C GLY A 154 10.15 -5.52 13.00
N ARG A 155 9.59 -6.36 12.17
CA ARG A 155 10.39 -7.09 11.26
C ARG A 155 11.05 -6.20 10.23
N LEU A 156 10.30 -5.21 9.76
CA LEU A 156 10.92 -4.30 8.73
C LEU A 156 12.06 -3.54 9.37
N MET A 157 11.85 -3.04 10.57
CA MET A 157 12.93 -2.35 11.28
C MET A 157 14.19 -3.18 11.39
N ASP A 158 14.01 -4.43 11.71
CA ASP A 158 15.14 -5.35 11.81
C ASP A 158 15.89 -5.43 10.52
N LEU A 159 15.13 -5.60 9.43
CA LEU A 159 15.74 -5.70 8.11
C LEU A 159 16.45 -4.44 7.69
N LEU A 160 15.87 -3.29 7.97
CA LEU A 160 16.52 -2.04 7.64
C LEU A 160 17.84 -1.86 8.43
N GLN A 161 17.81 -2.22 9.68
CA GLN A 161 19.03 -2.08 10.53
C GLN A 161 20.13 -2.93 10.09
N LYS A 162 19.78 -4.10 9.65
CA LYS A 162 20.76 -5.03 9.19
C LYS A 162 21.19 -4.81 7.75
N LYS A 163 20.66 -3.74 7.12
CA LYS A 163 20.92 -3.37 5.73
C LYS A 163 20.56 -4.50 4.78
N MET A 164 19.56 -5.25 5.12
CA MET A 164 19.08 -6.31 4.23
C MET A 164 18.05 -5.80 3.25
N VAL A 165 17.39 -4.72 3.63
CA VAL A 165 16.45 -4.01 2.78
C VAL A 165 16.88 -2.57 2.75
N SER A 166 16.60 -1.88 1.65
CA SER A 166 16.83 -0.44 1.56
C SER A 166 15.56 0.25 1.04
N LEU A 167 15.24 1.44 1.52
CA LEU A 167 14.07 2.23 1.00
C LEU A 167 14.50 3.25 -0.01
N ASP A 168 15.69 3.05 -0.62
CA ASP A 168 16.20 4.08 -1.51
C ASP A 168 15.40 4.38 -2.77
N ILE A 169 14.59 3.43 -3.26
CA ILE A 169 13.74 3.74 -4.39
C ILE A 169 12.23 3.65 -4.05
N CYS A 170 11.95 3.56 -2.75
CA CYS A 170 10.53 3.43 -2.35
C CYS A 170 9.85 4.76 -2.43
N ARG A 171 8.83 4.87 -3.26
CA ARG A 171 8.07 6.09 -3.51
C ARG A 171 6.64 5.98 -3.02
N TYR A 172 6.25 4.82 -2.46
CA TYR A 172 4.84 4.64 -2.05
C TYR A 172 4.82 3.86 -0.75
N LEU A 173 4.17 4.42 0.24
CA LEU A 173 4.11 3.80 1.54
C LEU A 173 2.66 3.82 2.06
N ALA A 174 2.03 2.67 2.23
CA ALA A 174 0.71 2.61 2.80
C ALA A 174 0.74 1.98 4.17
N LEU A 175 0.09 2.63 5.10
CA LEU A 175 -0.05 2.11 6.50
C LEU A 175 -1.45 1.59 6.66
N ASP A 176 -1.63 0.32 6.82
CA ASP A 176 -2.97 -0.30 7.00
C ASP A 176 -3.20 -0.50 8.49
N GLU A 177 -4.32 0.00 8.96
CA GLU A 177 -4.64 -0.10 10.42
C GLU A 177 -3.62 0.65 11.25
N ALA A 178 -3.37 1.90 10.94
CA ALA A 178 -2.35 2.66 11.65
C ALA A 178 -2.71 2.83 13.16
N ASP A 179 -4.00 2.95 13.47
CA ASP A 179 -4.39 2.99 14.87
C ASP A 179 -3.95 1.72 15.62
N ARG A 180 -4.23 0.55 15.08
CA ARG A 180 -3.85 -0.74 15.68
C ARG A 180 -2.37 -0.86 15.81
N MET A 181 -1.64 -0.37 14.81
CA MET A 181 -0.20 -0.50 14.95
C MET A 181 0.34 0.40 16.06
N ILE A 182 -0.14 1.59 16.24
CA ILE A 182 0.28 2.44 17.32
C ILE A 182 -0.19 1.86 18.66
N ASP A 183 -1.38 1.33 18.70
CA ASP A 183 -1.85 0.75 20.00
C ASP A 183 -1.00 -0.43 20.41
N MET A 184 -0.47 -1.20 19.48
CA MET A 184 0.33 -2.37 19.73
C MET A 184 1.78 -2.01 20.08
N GLY A 185 2.13 -0.75 20.05
CA GLY A 185 3.48 -0.38 20.42
C GLY A 185 4.44 -0.01 19.30
N PHE A 186 3.92 0.11 18.08
CA PHE A 186 4.86 0.27 16.95
C PHE A 186 5.05 1.72 16.47
N GLU A 187 4.60 2.73 17.20
CA GLU A 187 4.79 4.08 16.77
C GLU A 187 6.23 4.41 16.50
N GLY A 188 7.11 4.07 17.47
CA GLY A 188 8.52 4.39 17.28
C GLY A 188 9.14 3.70 16.06
N ASP A 189 8.79 2.44 15.88
CA ASP A 189 9.33 1.70 14.74
C ASP A 189 8.88 2.35 13.41
N ILE A 190 7.60 2.72 13.35
CA ILE A 190 7.11 3.35 12.12
C ILE A 190 7.70 4.70 11.88
N ARG A 191 7.82 5.52 12.91
CA ARG A 191 8.47 6.78 12.76
C ARG A 191 9.93 6.65 12.33
N THR A 192 10.59 5.65 12.91
CA THR A 192 11.98 5.40 12.51
C THR A 192 12.07 4.95 11.10
N ILE A 193 11.15 4.06 10.67
CA ILE A 193 11.12 3.66 9.30
C ILE A 193 11.00 4.83 8.34
N PHE A 194 10.16 5.82 8.63
CA PHE A 194 10.08 6.98 7.79
C PHE A 194 11.43 7.69 7.59
N SER A 195 12.26 7.66 8.65
CA SER A 195 13.56 8.35 8.55
C SER A 195 14.52 7.59 7.70
N TYR A 196 14.21 6.38 7.27
CA TYR A 196 15.03 5.62 6.34
C TYR A 196 14.79 5.99 4.92
N PHE A 197 13.81 6.85 4.60
CA PHE A 197 13.59 7.37 3.29
C PHE A 197 14.62 8.51 3.09
N LYS A 198 15.39 8.34 2.03
CA LYS A 198 16.37 9.35 1.61
C LYS A 198 15.67 10.41 0.82
N GLY A 199 14.55 10.10 0.16
CA GLY A 199 13.86 11.07 -0.66
C GLY A 199 12.34 11.03 -0.48
N GLN A 200 11.58 11.68 -1.37
CA GLN A 200 10.14 11.95 -1.18
C GLN A 200 9.35 10.68 -1.38
N ARG A 201 8.11 10.70 -0.85
CA ARG A 201 7.24 9.51 -0.95
C ARG A 201 5.81 9.95 -0.91
N GLN A 202 4.95 9.12 -1.50
CA GLN A 202 3.49 9.25 -1.36
C GLN A 202 3.14 8.32 -0.20
N THR A 203 2.40 8.86 0.76
CA THR A 203 2.06 8.10 2.01
C THR A 203 0.56 8.04 2.13
N LEU A 204 0.07 6.87 2.44
CA LEU A 204 -1.36 6.57 2.63
C LEU A 204 -1.53 6.05 4.02
N LEU A 205 -2.53 6.53 4.77
CA LEU A 205 -2.76 6.03 6.13
C LEU A 205 -4.21 5.63 6.27
N PHE A 206 -4.46 4.39 6.63
CA PHE A 206 -5.84 3.88 6.80
C PHE A 206 -6.04 3.58 8.24
N SER A 207 -7.14 4.03 8.82
CA SER A 207 -7.40 3.79 10.23
C SER A 207 -8.89 3.81 10.48
N ALA A 208 -9.37 2.89 11.25
CA ALA A 208 -10.84 2.93 11.60
C ALA A 208 -11.15 4.03 12.58
N THR A 209 -10.18 4.46 13.38
CA THR A 209 -10.37 5.45 14.35
C THR A 209 -9.46 6.62 14.13
N MET A 210 -9.70 7.72 14.80
CA MET A 210 -8.87 8.94 14.67
C MET A 210 -8.77 9.77 15.95
N PRO A 211 -8.20 9.15 16.97
CA PRO A 211 -8.07 9.86 18.22
C PRO A 211 -6.91 10.80 18.13
N LYS A 212 -6.68 11.61 19.15
CA LYS A 212 -5.63 12.58 19.05
C LYS A 212 -4.25 12.02 18.76
N LYS A 213 -3.85 10.88 19.32
CA LYS A 213 -2.53 10.36 19.08
C LYS A 213 -2.33 10.09 17.58
N ILE A 214 -3.37 9.59 16.93
CA ILE A 214 -3.33 9.30 15.51
C ILE A 214 -3.42 10.54 14.66
N GLN A 215 -4.19 11.53 15.04
CA GLN A 215 -4.21 12.79 14.37
C GLN A 215 -2.80 13.41 14.37
N ASN A 216 -2.13 13.39 15.50
CA ASN A 216 -0.77 13.92 15.59
C ASN A 216 0.21 13.09 14.78
N PHE A 217 0.10 11.77 14.80
CA PHE A 217 0.89 10.92 13.99
C PHE A 217 0.73 11.27 12.52
N ALA A 218 -0.52 11.41 12.10
CA ALA A 218 -0.74 11.66 10.69
C ALA A 218 -0.19 13.01 10.28
N LYS A 219 -0.24 14.00 11.14
CA LYS A 219 0.34 15.27 10.85
C LYS A 219 1.82 15.16 10.57
N SER A 220 2.51 14.35 11.34
CA SER A 220 3.92 14.11 11.15
C SER A 220 4.27 13.25 9.92
N ALA A 221 3.49 12.22 9.62
CA ALA A 221 3.69 11.20 8.60
C ALA A 221 3.39 11.64 7.17
N LEU A 222 2.38 12.50 6.99
CA LEU A 222 1.83 12.83 5.67
C LEU A 222 2.04 14.26 5.35
N VAL A 223 1.89 14.57 4.07
CA VAL A 223 2.02 15.93 3.59
C VAL A 223 0.80 16.37 2.77
N LYS A 224 0.09 17.34 3.32
CA LYS A 224 -1.17 17.87 2.65
C LYS A 224 -2.08 16.76 2.20
N PRO A 225 -2.47 15.81 3.09
CA PRO A 225 -3.29 14.71 2.63
C PRO A 225 -4.73 15.11 2.32
N VAL A 226 -5.34 14.30 1.51
CA VAL A 226 -6.79 14.33 1.32
C VAL A 226 -7.30 13.38 2.37
N THR A 227 -8.30 13.76 3.17
CA THR A 227 -8.93 12.83 4.08
C THR A 227 -10.26 12.35 3.56
N ILE A 228 -10.48 11.06 3.57
CA ILE A 228 -11.74 10.44 3.11
C ILE A 228 -12.26 9.64 4.25
N ASN A 229 -13.47 10.01 4.79
CA ASN A 229 -14.02 9.33 5.96
C ASN A 229 -15.35 8.67 5.59
N VAL A 230 -15.35 7.34 5.61
CA VAL A 230 -16.51 6.58 5.10
C VAL A 230 -17.70 6.77 6.01
N GLY A 231 -17.40 6.98 7.27
CA GLY A 231 -18.43 7.26 8.30
C GLY A 231 -18.61 6.01 9.08
N ARG A 232 -19.16 6.22 10.29
CA ARG A 232 -19.38 5.11 11.20
C ARG A 232 -20.39 4.11 10.66
N ALA A 233 -21.33 4.55 9.82
CA ALA A 233 -22.34 3.65 9.22
C ALA A 233 -21.85 2.87 7.99
N GLY A 234 -21.37 3.62 6.99
CA GLY A 234 -21.00 3.11 5.65
C GLY A 234 -19.87 2.10 5.80
C1 LMR B . -12.11 -8.19 3.29
O1A LMR B . -11.50 -8.65 4.27
O1B LMR B . -13.16 -8.80 3.04
C2 LMR B . -11.62 -6.98 2.49
O2 LMR B . -12.64 -6.52 1.66
C3 LMR B . -11.32 -5.76 3.33
C4 LMR B . -11.69 -4.39 2.77
O4A LMR B . -12.62 -3.71 3.24
O4B LMR B . -11.01 -3.99 1.80
#